data_2H2A
#
_entry.id   2H2A
#
_cell.length_a   62.303
_cell.length_b   83.649
_cell.length_c   99.113
_cell.angle_alpha   90.00
_cell.angle_beta   90.00
_cell.angle_gamma   90.00
#
_symmetry.space_group_name_H-M   'P 21 21 21'
#
loop_
_entity.id
_entity.type
_entity.pdbx_description
1 polymer 'Probable nicotinate-nucleotide adenylyltransferase'
2 non-polymer 'CALCIUM ION'
3 non-polymer 'NICOTINIC ACID ADENINE DINUCLEOTIDE'
4 non-polymer GLYCEROL
5 water water
#
_entity_poly.entity_id   1
_entity_poly.type   'polypeptide(L)'
_entity_poly.pdbx_seq_one_letter_code
;MKKIVLYGGQFNPIHTAHMIVASEVFHELQPDEFYFLPSFMSPLKKHHDFIDVQHRLTMIQMIIDELGFGDI(CSX)DDE
IKRGGQSYTYDTIKAFKEQHKDSELYFVIGTDQYNQLEKWYQIEYLKEMVTFVVVNRDKNSQNVENAMIAIQIPRVDISS
TMIRQRVSEGKSIQVLVPKSVENYIKGEGLYEH
;
_entity_poly.pdbx_strand_id   A,B
#
# COMPACT_ATOMS: atom_id res chain seq x y z
N MET A 1 -9.13 29.97 13.98
CA MET A 1 -9.65 29.94 12.59
C MET A 1 -8.75 29.14 11.61
N LYS A 2 -7.44 29.25 11.81
CA LYS A 2 -6.48 28.42 11.08
C LYS A 2 -6.66 26.91 11.50
N LYS A 3 -6.70 25.98 10.55
CA LYS A 3 -6.79 24.54 10.87
C LYS A 3 -5.42 23.91 10.78
N ILE A 4 -4.96 23.29 11.86
CA ILE A 4 -3.64 22.67 11.83
C ILE A 4 -3.74 21.17 12.17
N VAL A 5 -3.19 20.32 11.31
CA VAL A 5 -3.14 18.86 11.57
C VAL A 5 -1.74 18.46 12.00
N LEU A 6 -1.64 17.73 13.12
CA LEU A 6 -0.37 17.08 13.51
C LEU A 6 -0.48 15.56 13.45
N TYR A 7 0.47 14.90 12.80
CA TYR A 7 0.49 13.39 12.75
C TYR A 7 1.77 12.87 13.45
N GLY A 8 1.60 12.45 14.70
CA GLY A 8 2.71 11.93 15.52
C GLY A 8 3.12 10.49 15.28
N GLY A 9 4.41 10.20 15.41
CA GLY A 9 4.91 8.82 15.25
C GLY A 9 6.40 8.68 15.56
N GLN A 10 6.79 7.44 15.88
CA GLN A 10 8.22 7.15 15.97
C GLN A 10 8.83 7.09 14.55
N PHE A 11 8.03 6.63 13.60
CA PHE A 11 8.49 6.62 12.19
C PHE A 11 9.87 5.97 12.08
N ASN A 12 9.96 4.68 12.45
CA ASN A 12 11.23 3.96 12.49
C ASN A 12 11.21 2.64 11.70
N PRO A 13 11.11 2.69 10.37
CA PRO A 13 11.01 3.84 9.47
C PRO A 13 9.57 4.22 9.09
N ILE A 14 9.42 5.41 8.51
CA ILE A 14 8.19 5.78 7.84
C ILE A 14 8.00 4.87 6.60
N HIS A 15 6.75 4.56 6.30
CA HIS A 15 6.46 3.59 5.27
C HIS A 15 5.21 3.99 4.44
N THR A 16 4.82 3.14 3.50
CA THR A 16 3.74 3.40 2.55
C THR A 16 2.35 3.52 3.24
N ALA A 17 2.09 2.74 4.30
CA ALA A 17 0.82 2.96 5.06
C ALA A 17 0.75 4.31 5.83
N HIS A 18 1.87 4.80 6.40
CA HIS A 18 1.92 6.18 6.93
C HIS A 18 1.58 7.23 5.85
N MET A 19 2.05 7.03 4.63
CA MET A 19 1.74 7.89 3.49
C MET A 19 0.25 7.91 3.13
N ILE A 20 -0.37 6.76 3.17
CA ILE A 20 -1.80 6.66 2.90
C ILE A 20 -2.60 7.41 3.99
N VAL A 21 -2.22 7.25 5.25
CA VAL A 21 -2.91 7.93 6.37
C VAL A 21 -2.83 9.45 6.16
N ALA A 22 -1.62 9.94 5.95
CA ALA A 22 -1.38 11.38 5.81
C ALA A 22 -2.19 11.93 4.63
N SER A 23 -2.11 11.26 3.48
CA SER A 23 -2.84 11.65 2.24
C SER A 23 -4.38 11.72 2.40
N GLU A 24 -4.95 10.69 3.00
CA GLU A 24 -6.40 10.66 3.24
C GLU A 24 -6.89 11.77 4.20
N VAL A 25 -6.17 11.97 5.29
CA VAL A 25 -6.53 13.01 6.27
C VAL A 25 -6.38 14.42 5.63
N PHE A 26 -5.28 14.64 4.92
CA PHE A 26 -5.03 15.90 4.31
C PHE A 26 -6.16 16.28 3.32
N HIS A 27 -6.49 15.35 2.43
CA HIS A 27 -7.53 15.61 1.42
C HIS A 27 -8.93 15.68 2.01
N GLU A 28 -9.21 14.96 3.09
CA GLU A 28 -10.55 15.05 3.69
C GLU A 28 -10.77 16.32 4.50
N LEU A 29 -9.77 16.73 5.30
CA LEU A 29 -9.90 17.90 6.17
C LEU A 29 -9.46 19.24 5.57
N GLN A 30 -8.63 19.20 4.54
CA GLN A 30 -8.08 20.39 3.87
C GLN A 30 -7.54 21.42 4.89
N PRO A 31 -6.53 21.01 5.70
CA PRO A 31 -6.08 21.95 6.72
C PRO A 31 -5.22 23.02 6.09
N ASP A 32 -4.98 24.11 6.84
CA ASP A 32 -4.03 25.17 6.45
C ASP A 32 -2.59 24.65 6.61
N GLU A 33 -2.34 23.82 7.64
CA GLU A 33 -0.99 23.21 7.77
C GLU A 33 -1.09 21.75 8.16
N PHE A 34 -0.10 20.97 7.76
CA PHE A 34 0.00 19.54 8.07
C PHE A 34 1.44 19.29 8.55
N TYR A 35 1.59 18.89 9.81
CA TYR A 35 2.92 18.56 10.39
C TYR A 35 3.12 17.06 10.69
N PHE A 36 4.18 16.45 10.14
CA PHE A 36 4.71 15.17 10.64
C PHE A 36 5.45 15.49 11.92
N LEU A 37 5.06 14.81 12.99
CA LEU A 37 5.69 15.07 14.28
C LEU A 37 6.45 13.84 14.80
N PRO A 38 7.76 13.72 14.46
CA PRO A 38 8.53 12.56 14.94
C PRO A 38 8.88 12.68 16.41
N SER A 39 8.60 11.64 17.20
CA SER A 39 8.94 11.65 18.60
C SER A 39 10.43 11.39 18.79
N PHE A 40 10.96 11.72 19.96
CA PHE A 40 12.35 11.32 20.30
C PHE A 40 12.26 9.86 20.80
N MET A 41 11.50 9.65 21.87
CA MET A 41 11.01 8.36 22.27
C MET A 41 9.52 8.36 22.55
N SER A 42 8.72 7.67 21.74
CA SER A 42 7.30 7.62 21.98
C SER A 42 7.03 6.84 23.26
N PRO A 43 6.15 7.38 24.16
CA PRO A 43 5.72 6.63 25.35
C PRO A 43 4.97 5.32 24.99
N LEU A 44 4.91 4.41 25.97
CA LEU A 44 4.27 3.12 25.82
C LEU A 44 4.96 2.22 24.75
N LYS A 45 6.23 2.47 24.47
CA LYS A 45 6.96 1.70 23.44
C LYS A 45 8.41 1.48 23.89
N LYS A 46 8.96 0.29 23.57
CA LYS A 46 10.40 0.03 23.80
C LYS A 46 11.27 0.53 22.66
N HIS A 47 12.39 1.16 22.99
CA HIS A 47 13.26 1.76 22.00
C HIS A 47 14.63 1.08 21.93
N HIS A 48 14.61 -0.12 21.34
CA HIS A 48 15.77 -1.02 21.24
C HIS A 48 16.99 -0.44 20.50
N ASP A 49 17.13 -0.85 19.26
CA ASP A 49 18.30 -0.58 18.47
C ASP A 49 18.23 0.84 17.90
N PHE A 50 18.22 1.82 18.80
CA PHE A 50 18.03 3.25 18.49
C PHE A 50 19.11 3.74 17.52
N ILE A 51 18.75 3.76 16.24
CA ILE A 51 19.52 4.48 15.20
C ILE A 51 19.35 5.96 15.55
N ASP A 52 20.24 6.86 15.16
CA ASP A 52 19.76 8.15 15.58
C ASP A 52 19.13 9.10 14.56
N VAL A 53 18.66 10.20 15.14
CA VAL A 53 17.67 11.14 14.67
C VAL A 53 17.71 11.56 13.22
N GLN A 54 18.89 11.81 12.67
CA GLN A 54 19.09 12.32 11.29
C GLN A 54 18.49 11.41 10.20
N HIS A 55 18.68 10.10 10.37
CA HIS A 55 18.17 9.08 9.50
C HIS A 55 16.61 9.14 9.44
N ARG A 56 15.94 9.11 10.60
CA ARG A 56 14.45 9.17 10.66
C ARG A 56 13.90 10.44 10.00
N LEU A 57 14.54 11.58 10.24
CA LEU A 57 14.12 12.87 9.63
C LEU A 57 14.29 12.96 8.14
N THR A 58 15.40 12.42 7.65
CA THR A 58 15.68 12.33 6.23
C THR A 58 14.63 11.52 5.44
N MET A 59 14.30 10.34 5.95
CA MET A 59 13.26 9.48 5.32
C MET A 59 11.87 10.16 5.37
N ILE A 60 11.52 10.84 6.45
CA ILE A 60 10.25 11.66 6.51
C ILE A 60 10.25 12.78 5.46
N GLN A 61 11.38 13.49 5.29
CA GLN A 61 11.47 14.48 4.19
C GLN A 61 11.29 13.86 2.80
N MET A 62 11.85 12.69 2.58
CA MET A 62 11.62 11.97 1.30
C MET A 62 10.13 11.69 1.06
N ILE A 63 9.39 11.32 2.13
CA ILE A 63 7.89 11.17 2.01
C ILE A 63 7.18 12.51 1.63
N ILE A 64 7.55 13.60 2.30
CA ILE A 64 6.99 14.93 2.03
C ILE A 64 7.27 15.33 0.58
N ASP A 65 8.52 15.19 0.13
CA ASP A 65 8.87 15.46 -1.28
C ASP A 65 7.92 14.74 -2.25
N GLU A 66 7.67 13.46 -1.99
CA GLU A 66 6.77 12.66 -2.81
C GLU A 66 5.27 12.98 -2.69
N LEU A 67 4.78 13.23 -1.48
CA LEU A 67 3.39 13.64 -1.26
C LEU A 67 3.07 15.03 -1.83
N GLY A 68 4.04 15.95 -1.71
CA GLY A 68 3.84 17.31 -2.20
C GLY A 68 3.12 18.22 -1.22
N PHE A 69 3.04 17.81 0.04
CA PHE A 69 2.52 18.65 1.12
C PHE A 69 3.22 18.25 2.42
N GLY A 70 3.12 19.09 3.44
CA GLY A 70 3.56 18.70 4.79
C GLY A 70 4.88 19.39 5.17
N ASP A 71 5.12 19.47 6.49
CA ASP A 71 6.32 19.97 7.13
C ASP A 71 6.68 19.04 8.30
N ILE A 72 7.92 19.11 8.77
CA ILE A 72 8.33 18.39 9.96
C ILE A 72 8.27 19.37 11.15
N ASP A 74 9.91 19.62 14.66
CA ASP A 74 11.02 18.99 15.33
C ASP A 74 11.06 19.24 16.84
N ASP A 75 9.93 19.70 17.41
CA ASP A 75 9.85 20.12 18.83
C ASP A 75 10.29 19.00 19.72
N GLU A 76 9.79 17.79 19.42
CA GLU A 76 10.08 16.62 20.26
C GLU A 76 11.54 16.14 20.20
N ILE A 77 12.16 16.23 19.03
CA ILE A 77 13.56 15.89 18.84
C ILE A 77 14.46 16.87 19.66
N LYS A 78 14.16 18.16 19.55
CA LYS A 78 14.83 19.22 20.36
C LYS A 78 14.69 19.04 21.86
N ARG A 79 13.51 18.65 22.33
CA ARG A 79 13.25 18.48 23.76
C ARG A 79 13.90 17.19 24.32
N GLY A 80 14.03 16.15 23.51
CA GLY A 80 14.57 14.87 23.96
C GLY A 80 13.73 14.18 25.04
N GLY A 81 14.25 13.10 25.62
CA GLY A 81 13.51 12.32 26.63
C GLY A 81 12.24 11.64 26.09
N GLN A 82 11.34 11.26 27.00
CA GLN A 82 10.00 10.72 26.64
C GLN A 82 9.14 11.83 26.04
N SER A 83 8.52 11.53 24.90
CA SER A 83 7.81 12.57 24.11
C SER A 83 6.31 12.57 24.41
N TYR A 84 5.92 13.12 25.56
CA TYR A 84 4.50 13.16 25.95
C TYR A 84 3.80 14.22 25.15
N THR A 85 2.75 13.82 24.46
CA THR A 85 2.00 14.69 23.54
C THR A 85 1.42 15.96 24.26
N TYR A 86 0.93 15.80 25.49
CA TYR A 86 0.41 16.96 26.25
C TYR A 86 1.47 18.07 26.35
N ASP A 87 2.72 17.73 26.68
CA ASP A 87 3.80 18.77 26.77
C ASP A 87 4.00 19.43 25.43
N THR A 88 3.98 18.60 24.38
CA THR A 88 4.19 19.14 23.03
C THR A 88 3.10 20.12 22.64
N ILE A 89 1.86 19.70 22.80
CA ILE A 89 0.70 20.49 22.38
C ILE A 89 0.56 21.79 23.23
N LYS A 90 0.81 21.70 24.54
CA LYS A 90 0.71 22.92 25.38
C LYS A 90 1.62 24.04 24.85
N ALA A 91 2.89 23.71 24.60
CA ALA A 91 3.86 24.63 24.00
C ALA A 91 3.58 25.09 22.57
N PHE A 92 3.12 24.16 21.73
CA PHE A 92 2.77 24.45 20.34
C PHE A 92 1.58 25.43 20.28
N LYS A 93 0.62 25.21 21.16
CA LYS A 93 -0.61 25.99 21.14
C LYS A 93 -0.38 27.47 21.46
N GLU A 94 0.51 27.78 22.40
CA GLU A 94 0.76 29.19 22.72
C GLU A 94 1.64 29.91 21.67
N GLN A 95 2.24 29.14 20.77
CA GLN A 95 2.94 29.70 19.61
C GLN A 95 2.00 29.86 18.38
N HIS A 96 0.76 29.38 18.52
CA HIS A 96 -0.20 29.26 17.42
C HIS A 96 -1.60 29.40 18.03
N LYS A 97 -1.81 30.45 18.82
CA LYS A 97 -3.13 30.75 19.37
C LYS A 97 -4.01 31.11 18.17
N ASP A 98 -5.33 30.98 18.31
CA ASP A 98 -6.27 31.30 17.20
C ASP A 98 -6.33 30.23 16.07
N SER A 99 -5.79 29.04 16.34
CA SER A 99 -5.94 27.91 15.40
C SER A 99 -6.50 26.67 16.07
N GLU A 100 -7.31 25.94 15.31
CA GLU A 100 -7.89 24.68 15.74
C GLU A 100 -6.89 23.50 15.43
N LEU A 101 -6.57 22.72 16.46
CA LEU A 101 -5.57 21.65 16.37
C LEU A 101 -6.22 20.27 16.23
N TYR A 102 -5.72 19.49 15.27
CA TYR A 102 -6.24 18.12 14.99
C TYR A 102 -5.08 17.14 15.11
N PHE A 103 -5.23 16.07 15.90
CA PHE A 103 -4.11 15.11 16.12
C PHE A 103 -4.53 13.73 15.61
N VAL A 104 -3.77 13.20 14.62
CA VAL A 104 -4.10 11.93 13.93
C VAL A 104 -3.44 10.73 14.63
N ILE A 105 -4.25 9.69 14.88
CA ILE A 105 -3.80 8.44 15.48
C ILE A 105 -4.54 7.31 14.77
N GLY A 106 -3.94 6.11 14.74
CA GLY A 106 -4.64 4.89 14.34
C GLY A 106 -5.31 4.18 15.50
N THR A 107 -6.09 3.15 15.16
CA THR A 107 -6.85 2.31 16.07
C THR A 107 -6.07 1.83 17.28
N ASP A 108 -4.83 1.36 17.10
CA ASP A 108 -4.10 0.84 18.27
C ASP A 108 -3.92 1.88 19.39
N GLN A 109 -3.70 3.16 19.02
CA GLN A 109 -3.46 4.24 20.00
C GLN A 109 -4.82 4.69 20.61
N TYR A 110 -5.82 4.77 19.76
CA TYR A 110 -7.17 5.09 20.20
C TYR A 110 -7.65 4.15 21.31
N ASN A 111 -7.38 2.85 21.13
CA ASN A 111 -7.78 1.86 22.12
C ASN A 111 -7.04 1.89 23.46
N GLN A 112 -5.87 2.54 23.54
CA GLN A 112 -5.14 2.69 24.81
C GLN A 112 -4.98 4.18 25.25
N LEU A 113 -5.88 5.04 24.79
CA LEU A 113 -5.80 6.49 24.98
C LEU A 113 -5.89 6.90 26.47
N GLU A 114 -6.62 6.14 27.25
CA GLU A 114 -6.66 6.29 28.73
C GLU A 114 -5.29 6.09 29.42
N LYS A 115 -4.33 5.52 28.68
CA LYS A 115 -2.98 5.32 29.17
C LYS A 115 -2.06 6.47 28.82
N TRP A 116 -2.53 7.43 28.03
CA TRP A 116 -1.73 8.60 27.69
C TRP A 116 -1.66 9.59 28.85
N TYR A 117 -0.54 10.28 28.95
CA TYR A 117 -0.27 11.28 29.99
C TYR A 117 -1.17 12.53 29.84
N GLN A 118 -1.84 12.88 30.95
CA GLN A 118 -2.68 14.09 31.04
C GLN A 118 -3.75 14.06 29.94
N ILE A 119 -4.33 12.88 29.72
CA ILE A 119 -5.31 12.69 28.65
C ILE A 119 -6.60 13.55 28.79
N GLU A 120 -7.09 13.74 30.00
CA GLU A 120 -8.28 14.63 30.16
C GLU A 120 -8.03 16.08 29.71
N TYR A 121 -6.84 16.59 29.97
CA TYR A 121 -6.46 17.93 29.50
C TYR A 121 -6.19 17.95 28.01
N LEU A 122 -5.49 16.92 27.49
CA LEU A 122 -5.17 16.86 26.05
C LEU A 122 -6.47 16.79 25.20
N LYS A 123 -7.46 16.03 25.64
CA LYS A 123 -8.74 15.98 24.91
C LYS A 123 -9.50 17.32 24.80
N GLU A 124 -9.20 18.28 25.67
CA GLU A 124 -9.76 19.62 25.56
C GLU A 124 -8.95 20.56 24.67
N MET A 125 -7.69 20.19 24.38
CA MET A 125 -6.75 21.00 23.60
C MET A 125 -6.70 20.63 22.10
N VAL A 126 -6.99 19.37 21.76
CA VAL A 126 -6.98 18.94 20.35
C VAL A 126 -8.27 18.18 20.02
N THR A 127 -8.62 18.11 18.73
CA THR A 127 -9.63 17.18 18.23
C THR A 127 -8.87 15.94 17.68
N PHE A 128 -9.06 14.81 18.34
CA PHE A 128 -8.49 13.55 17.86
C PHE A 128 -9.12 13.12 16.52
N VAL A 129 -8.25 12.77 15.57
CA VAL A 129 -8.67 12.22 14.26
C VAL A 129 -8.18 10.74 14.21
N VAL A 130 -9.11 9.79 14.10
CA VAL A 130 -8.76 8.37 14.24
C VAL A 130 -8.93 7.67 12.91
N VAL A 131 -7.88 6.95 12.45
CA VAL A 131 -7.96 6.19 11.20
C VAL A 131 -7.97 4.70 11.54
N ASN A 132 -8.65 3.90 10.72
CA ASN A 132 -8.74 2.44 10.99
C ASN A 132 -7.43 1.71 10.79
N ARG A 133 -7.06 0.84 11.74
CA ARG A 133 -5.83 0.03 11.63
C ARG A 133 -6.20 -1.40 12.04
N ASP A 134 -5.88 -2.36 11.17
CA ASP A 134 -6.22 -3.80 11.39
C ASP A 134 -7.72 -4.07 11.45
N LYS A 135 -8.50 -3.24 10.77
CA LYS A 135 -9.92 -3.43 10.56
C LYS A 135 -10.37 -2.48 9.44
N ASN A 136 -11.60 -2.66 8.97
CA ASN A 136 -12.08 -1.89 7.83
C ASN A 136 -12.79 -0.56 8.13
N SER A 137 -13.31 -0.38 9.33
CA SER A 137 -13.85 0.94 9.71
C SER A 137 -13.61 1.18 11.19
N GLN A 138 -13.67 2.42 11.60
CA GLN A 138 -13.42 2.82 12.96
C GLN A 138 -14.60 3.66 13.44
N ASN A 139 -15.20 3.28 14.55
CA ASN A 139 -16.14 4.18 15.22
C ASN A 139 -15.54 4.97 16.37
N VAL A 140 -15.91 6.24 16.45
CA VAL A 140 -15.49 7.11 17.56
C VAL A 140 -16.70 7.86 18.14
N GLU A 141 -16.50 8.48 19.30
CA GLU A 141 -17.50 9.34 19.91
C GLU A 141 -17.61 10.65 19.14
N ASN A 142 -18.68 11.41 19.37
CA ASN A 142 -19.00 12.55 18.53
C ASN A 142 -18.06 13.74 18.68
N ALA A 143 -17.30 13.80 19.77
CA ALA A 143 -16.29 14.85 19.92
C ALA A 143 -15.02 14.65 19.01
N MET A 144 -14.82 13.45 18.51
CA MET A 144 -13.64 13.10 17.69
C MET A 144 -14.08 12.96 16.22
N ILE A 145 -13.11 12.84 15.31
CA ILE A 145 -13.35 12.61 13.89
C ILE A 145 -12.81 11.21 13.44
N ALA A 146 -13.65 10.34 12.86
CA ALA A 146 -13.20 9.09 12.24
C ALA A 146 -12.98 9.29 10.71
N ILE A 147 -11.79 8.95 10.22
CA ILE A 147 -11.54 8.94 8.78
C ILE A 147 -11.26 7.50 8.35
N GLN A 148 -12.09 7.03 7.42
CA GLN A 148 -11.99 5.66 6.89
C GLN A 148 -10.95 5.62 5.78
N ILE A 149 -9.93 4.78 5.94
CA ILE A 149 -8.91 4.63 4.87
C ILE A 149 -8.93 3.20 4.30
N PRO A 150 -8.40 2.99 3.08
CA PRO A 150 -8.19 1.60 2.65
C PRO A 150 -7.26 0.89 3.65
N ARG A 151 -7.67 -0.24 4.17
CA ARG A 151 -6.91 -0.99 5.16
C ARG A 151 -5.58 -1.53 4.56
N VAL A 152 -4.44 -1.18 5.18
CA VAL A 152 -3.13 -1.57 4.67
C VAL A 152 -2.27 -2.03 5.87
N ASP A 153 -2.03 -3.33 5.97
CA ASP A 153 -1.39 -3.92 7.15
C ASP A 153 0.15 -3.90 7.02
N ILE A 154 0.73 -2.71 6.97
CA ILE A 154 2.22 -2.54 6.95
C ILE A 154 2.59 -1.90 8.28
N SER A 155 3.65 -2.38 8.94
CA SER A 155 4.13 -1.74 10.17
C SER A 155 5.63 -1.47 10.06
N SER A 156 6.15 -0.57 10.89
CA SER A 156 7.61 -0.34 10.92
C SER A 156 8.38 -1.60 11.39
N THR A 157 7.82 -2.34 12.34
CA THR A 157 8.40 -3.63 12.84
C THR A 157 8.61 -4.63 11.71
N MET A 158 7.58 -4.81 10.85
CA MET A 158 7.65 -5.62 9.62
C MET A 158 8.83 -5.25 8.71
N ILE A 159 9.01 -3.96 8.46
CA ILE A 159 10.11 -3.45 7.69
C ILE A 159 11.49 -3.81 8.29
N ARG A 160 11.66 -3.54 9.58
CA ARG A 160 12.93 -3.85 10.24
C ARG A 160 13.17 -5.39 10.25
N GLN A 161 12.13 -6.17 10.49
CA GLN A 161 12.25 -7.63 10.48
C GLN A 161 12.74 -8.14 9.09
N ARG A 162 12.08 -7.69 8.01
CA ARG A 162 12.47 -8.03 6.65
C ARG A 162 13.92 -7.72 6.33
N VAL A 163 14.35 -6.49 6.60
CA VAL A 163 15.71 -6.03 6.35
C VAL A 163 16.78 -6.87 7.06
N SER A 164 16.51 -7.20 8.32
CA SER A 164 17.43 -7.98 9.11
C SER A 164 17.60 -9.40 8.56
N GLU A 165 16.52 -9.98 8.04
CA GLU A 165 16.58 -11.32 7.45
C GLU A 165 16.94 -11.37 5.95
N GLY A 166 17.31 -10.22 5.40
CA GLY A 166 17.61 -10.09 3.97
C GLY A 166 16.44 -10.18 3.01
N LYS A 167 15.20 -10.07 3.50
CA LYS A 167 13.99 -10.02 2.65
C LYS A 167 13.77 -8.64 1.99
N SER A 168 13.25 -8.63 0.76
CA SER A 168 12.91 -7.35 0.10
C SER A 168 11.85 -6.52 0.88
N ILE A 169 11.94 -5.19 0.81
CA ILE A 169 10.90 -4.25 1.30
C ILE A 169 10.41 -3.34 0.13
N GLN A 170 10.68 -3.75 -1.09
CA GLN A 170 10.16 -3.06 -2.27
C GLN A 170 8.62 -2.82 -2.14
N VAL A 171 8.18 -1.61 -2.48
CA VAL A 171 6.78 -1.13 -2.46
C VAL A 171 6.26 -0.80 -1.05
N LEU A 172 6.65 -1.60 -0.06
CA LEU A 172 6.26 -1.42 1.36
C LEU A 172 6.75 -0.07 1.90
N VAL A 173 7.89 0.40 1.38
CA VAL A 173 8.34 1.79 1.49
C VAL A 173 8.50 2.32 0.06
N PRO A 174 8.50 3.66 -0.16
CA PRO A 174 8.79 4.22 -1.50
C PRO A 174 10.23 3.92 -1.90
N LYS A 175 10.53 4.00 -3.20
CA LYS A 175 11.83 3.65 -3.76
C LYS A 175 12.94 4.47 -3.10
N SER A 176 12.68 5.75 -2.81
CA SER A 176 13.68 6.63 -2.24
C SER A 176 14.12 6.13 -0.88
N VAL A 177 13.13 5.79 -0.05
CA VAL A 177 13.41 5.28 1.30
C VAL A 177 14.09 3.89 1.25
N GLU A 178 13.65 3.02 0.35
CA GLU A 178 14.27 1.69 0.14
C GLU A 178 15.79 1.79 -0.18
N ASN A 179 16.14 2.63 -1.15
CA ASN A 179 17.52 2.87 -1.50
C ASN A 179 18.29 3.57 -0.38
N TYR A 180 17.64 4.44 0.41
CA TYR A 180 18.32 5.06 1.59
C TYR A 180 18.69 4.05 2.70
N ILE A 181 17.72 3.20 3.06
CA ILE A 181 17.94 2.11 4.01
C ILE A 181 19.14 1.17 3.58
N LYS A 182 19.12 0.71 2.32
CA LYS A 182 20.19 -0.14 1.78
C LYS A 182 21.54 0.61 1.79
N GLY A 183 21.57 1.78 1.16
CA GLY A 183 22.74 2.66 1.12
C GLY A 183 23.39 3.02 2.43
N GLU A 184 22.59 3.16 3.50
CA GLU A 184 23.10 3.47 4.84
C GLU A 184 23.25 2.28 5.77
N GLY A 185 22.89 1.08 5.33
CA GLY A 185 22.98 -0.09 6.18
C GLY A 185 22.05 -0.11 7.37
N LEU A 186 20.90 0.60 7.28
CA LEU A 186 19.97 0.65 8.40
C LEU A 186 19.33 -0.71 8.65
N TYR A 187 19.16 -1.08 9.93
CA TYR A 187 18.45 -2.31 10.35
C TYR A 187 19.16 -3.64 10.05
N GLU A 188 20.34 -3.57 9.46
CA GLU A 188 21.10 -4.81 9.18
C GLU A 188 21.74 -5.33 10.48
N HIS A 189 21.81 -6.64 10.60
CA HIS A 189 22.28 -7.23 11.84
C HIS A 189 23.72 -7.75 11.74
N MET B 1 12.69 -26.82 -16.81
CA MET B 1 13.71 -26.28 -15.84
C MET B 1 13.76 -24.74 -15.73
N LYS B 2 13.57 -24.06 -16.85
CA LYS B 2 13.32 -22.62 -16.83
C LYS B 2 12.02 -22.35 -16.02
N LYS B 3 12.01 -21.37 -15.13
CA LYS B 3 10.81 -21.03 -14.36
C LYS B 3 10.16 -19.77 -14.93
N ILE B 4 8.89 -19.88 -15.32
CA ILE B 4 8.15 -18.72 -15.83
C ILE B 4 6.89 -18.42 -14.96
N VAL B 5 6.78 -17.17 -14.50
CA VAL B 5 5.58 -16.74 -13.77
C VAL B 5 4.65 -15.90 -14.68
N LEU B 6 3.38 -16.20 -14.70
CA LEU B 6 2.40 -15.30 -15.35
C LEU B 6 1.43 -14.74 -14.30
N TYR B 7 1.23 -13.42 -14.27
CA TYR B 7 0.24 -12.79 -13.36
C TYR B 7 -0.89 -12.12 -14.18
N GLY B 8 -2.01 -12.81 -14.28
CA GLY B 8 -3.16 -12.34 -15.02
C GLY B 8 -4.09 -11.36 -14.33
N GLY B 9 -4.61 -10.41 -15.13
CA GLY B 9 -5.56 -9.43 -14.61
C GLY B 9 -6.25 -8.66 -15.70
N GLN B 10 -7.41 -8.14 -15.36
CA GLN B 10 -8.03 -7.08 -16.18
C GLN B 10 -7.24 -5.74 -15.96
N PHE B 11 -6.66 -5.54 -14.78
CA PHE B 11 -5.82 -4.32 -14.57
C PHE B 11 -6.49 -3.01 -15.12
N ASN B 12 -7.67 -2.70 -14.57
CA ASN B 12 -8.53 -1.60 -14.99
C ASN B 12 -8.87 -0.59 -13.83
N PRO B 13 -7.87 0.16 -13.32
CA PRO B 13 -6.43 0.19 -13.66
C PRO B 13 -5.58 -0.76 -12.77
N ILE B 14 -4.33 -0.99 -13.17
CA ILE B 14 -3.35 -1.57 -12.26
C ILE B 14 -3.08 -0.58 -11.09
N HIS B 15 -2.81 -1.11 -9.89
CA HIS B 15 -2.71 -0.25 -8.71
C HIS B 15 -1.61 -0.75 -7.75
N THR B 16 -1.44 -0.08 -6.63
CA THR B 16 -0.37 -0.38 -5.66
C THR B 16 -0.44 -1.77 -5.02
N ALA B 17 -1.63 -2.32 -4.77
CA ALA B 17 -1.70 -3.71 -4.29
C ALA B 17 -1.22 -4.75 -5.32
N HIS B 18 -1.52 -4.53 -6.61
CA HIS B 18 -1.00 -5.39 -7.69
C HIS B 18 0.52 -5.37 -7.69
N MET B 19 1.12 -4.22 -7.42
CA MET B 19 2.58 -4.15 -7.36
C MET B 19 3.14 -4.95 -6.17
N ILE B 20 2.46 -4.94 -5.04
CA ILE B 20 2.89 -5.68 -3.87
C ILE B 20 2.85 -7.21 -4.13
N VAL B 21 1.77 -7.67 -4.77
CA VAL B 21 1.60 -9.06 -5.15
C VAL B 21 2.76 -9.48 -6.07
N ALA B 22 3.01 -8.69 -7.11
CA ALA B 22 4.05 -9.02 -8.10
C ALA B 22 5.42 -9.08 -7.44
N SER B 23 5.75 -8.03 -6.66
CA SER B 23 7.01 -7.97 -5.93
C SER B 23 7.29 -9.18 -4.97
N GLU B 24 6.30 -9.54 -4.15
CA GLU B 24 6.38 -10.67 -3.24
C GLU B 24 6.60 -12.00 -3.96
N VAL B 25 5.83 -12.26 -5.01
CA VAL B 25 5.98 -13.47 -5.80
C VAL B 25 7.37 -13.53 -6.52
N PHE B 26 7.78 -12.43 -7.13
CA PHE B 26 9.04 -12.40 -7.84
C PHE B 26 10.24 -12.73 -6.93
N HIS B 27 10.30 -12.05 -5.77
CA HIS B 27 11.37 -12.23 -4.79
C HIS B 27 11.34 -13.60 -4.11
N GLU B 28 10.17 -14.15 -3.86
CA GLU B 28 10.08 -15.52 -3.34
C GLU B 28 10.43 -16.62 -4.32
N LEU B 29 9.93 -16.57 -5.56
CA LEU B 29 10.15 -17.69 -6.48
C LEU B 29 11.39 -17.52 -7.36
N GLN B 30 11.94 -16.32 -7.43
CA GLN B 30 13.06 -16.03 -8.32
C GLN B 30 12.93 -16.66 -9.74
N PRO B 31 11.83 -16.34 -10.45
CA PRO B 31 11.60 -16.99 -11.75
C PRO B 31 12.60 -16.49 -12.78
N ASP B 32 12.76 -17.21 -13.88
CA ASP B 32 13.56 -16.77 -15.00
C ASP B 32 12.85 -15.68 -15.80
N GLU B 33 11.53 -15.75 -15.84
CA GLU B 33 10.71 -14.68 -16.46
C GLU B 33 9.48 -14.40 -15.62
N PHE B 34 9.01 -13.16 -15.68
CA PHE B 34 7.79 -12.73 -15.00
C PHE B 34 6.96 -11.91 -16.04
N TYR B 35 5.76 -12.41 -16.37
CA TYR B 35 4.87 -11.71 -17.31
C TYR B 35 3.60 -11.16 -16.61
N PHE B 36 3.32 -9.85 -16.73
CA PHE B 36 1.97 -9.32 -16.50
C PHE B 36 1.13 -9.74 -17.71
N LEU B 37 0.03 -10.42 -17.46
CA LEU B 37 -0.82 -10.89 -18.56
C LEU B 37 -2.22 -10.21 -18.57
N PRO B 38 -2.35 -9.03 -19.23
CA PRO B 38 -3.64 -8.33 -19.24
C PRO B 38 -4.64 -9.07 -20.11
N SER B 39 -5.85 -9.29 -19.60
CA SER B 39 -6.89 -9.88 -20.42
C SER B 39 -7.55 -8.87 -21.33
N PHE B 40 -8.24 -9.37 -22.34
CA PHE B 40 -9.08 -8.53 -23.16
C PHE B 40 -10.37 -8.33 -22.38
N MET B 41 -11.09 -9.42 -22.15
CA MET B 41 -12.17 -9.48 -21.20
C MET B 41 -12.03 -10.70 -20.29
N SER B 42 -11.73 -10.49 -19.01
CA SER B 42 -11.65 -11.63 -18.10
C SER B 42 -13.05 -12.22 -17.87
N PRO B 43 -13.17 -13.59 -17.91
CA PRO B 43 -14.45 -14.27 -17.63
C PRO B 43 -14.92 -14.03 -16.19
N LEU B 44 -16.21 -14.24 -15.96
CA LEU B 44 -16.83 -14.08 -14.64
C LEU B 44 -16.79 -12.62 -14.10
N LYS B 45 -16.69 -11.65 -15.01
CA LYS B 45 -16.71 -10.24 -14.61
C LYS B 45 -17.43 -9.42 -15.71
N LYS B 46 -18.15 -8.37 -15.30
CA LYS B 46 -18.84 -7.45 -16.23
C LYS B 46 -17.94 -6.36 -16.74
N HIS B 47 -18.02 -6.09 -18.05
CA HIS B 47 -17.15 -5.09 -18.68
C HIS B 47 -17.88 -3.85 -19.25
N HIS B 48 -18.54 -3.11 -18.35
CA HIS B 48 -19.17 -1.81 -18.67
C HIS B 48 -18.09 -0.72 -18.68
N ASP B 49 -18.31 0.31 -19.51
CA ASP B 49 -17.41 1.46 -19.61
C ASP B 49 -16.00 1.07 -20.08
N PHE B 50 -15.95 0.20 -21.10
CA PHE B 50 -14.70 -0.37 -21.65
C PHE B 50 -13.85 0.74 -22.29
N ILE B 51 -12.72 1.05 -21.66
CA ILE B 51 -11.77 2.05 -22.18
C ILE B 51 -10.87 1.43 -23.28
N ASP B 52 -10.15 2.27 -24.03
CA ASP B 52 -9.13 1.79 -24.99
C ASP B 52 -8.10 0.89 -24.27
N VAL B 53 -7.88 -0.29 -24.86
CA VAL B 53 -6.87 -1.27 -24.53
C VAL B 53 -5.42 -0.71 -24.30
N GLN B 54 -5.02 0.28 -25.10
CA GLN B 54 -3.74 1.01 -24.98
C GLN B 54 -3.55 1.74 -23.63
N HIS B 55 -4.64 2.27 -23.08
CA HIS B 55 -4.58 2.89 -21.75
C HIS B 55 -4.09 1.88 -20.71
N ARG B 56 -4.74 0.72 -20.65
CA ARG B 56 -4.38 -0.34 -19.71
C ARG B 56 -2.95 -0.82 -19.84
N LEU B 57 -2.50 -0.97 -21.08
CA LEU B 57 -1.11 -1.40 -21.36
C LEU B 57 -0.11 -0.37 -20.95
N THR B 58 -0.42 0.89 -21.21
CA THR B 58 0.46 1.99 -20.78
C THR B 58 0.66 2.04 -19.25
N MET B 59 -0.42 1.90 -18.50
CA MET B 59 -0.37 1.93 -17.03
C MET B 59 0.47 0.73 -16.49
N ILE B 60 0.28 -0.46 -17.07
CA ILE B 60 1.05 -1.69 -16.73
C ILE B 60 2.59 -1.50 -16.94
N GLN B 61 2.95 -0.94 -18.10
CA GLN B 61 4.34 -0.59 -18.39
C GLN B 61 4.97 0.41 -17.41
N MET B 62 4.19 1.40 -16.96
CA MET B 62 4.61 2.30 -15.86
C MET B 62 4.91 1.55 -14.55
N ILE B 63 4.10 0.53 -14.22
CA ILE B 63 4.38 -0.37 -13.04
C ILE B 63 5.71 -1.14 -13.24
N ILE B 64 5.90 -1.67 -14.44
CA ILE B 64 7.12 -2.41 -14.76
C ILE B 64 8.35 -1.51 -14.62
N ASP B 65 8.29 -0.30 -15.18
CA ASP B 65 9.32 0.72 -15.03
C ASP B 65 9.70 0.95 -13.56
N GLU B 66 8.70 1.12 -12.71
CA GLU B 66 8.88 1.36 -11.29
C GLU B 66 9.48 0.15 -10.56
N LEU B 67 8.98 -1.04 -10.87
CA LEU B 67 9.37 -2.28 -10.16
C LEU B 67 10.78 -2.74 -10.55
N GLY B 68 11.15 -2.50 -11.79
CA GLY B 68 12.46 -2.91 -12.32
C GLY B 68 12.53 -4.35 -12.75
N PHE B 69 11.40 -5.04 -12.85
CA PHE B 69 11.37 -6.41 -13.38
C PHE B 69 10.08 -6.56 -14.14
N GLY B 70 9.99 -7.57 -15.00
CA GLY B 70 8.74 -7.92 -15.65
C GLY B 70 8.63 -7.46 -17.11
N ASP B 71 7.71 -8.07 -17.83
CA ASP B 71 7.37 -7.74 -19.21
C ASP B 71 5.88 -7.96 -19.40
N ILE B 72 5.28 -7.28 -20.37
CA ILE B 72 3.91 -7.55 -20.77
C ILE B 72 3.87 -8.76 -21.71
N ASP B 74 1.21 -9.95 -24.41
CA ASP B 74 -0.03 -9.42 -25.00
C ASP B 74 -0.91 -10.44 -25.71
N ASP B 75 -0.67 -11.73 -25.47
CA ASP B 75 -1.39 -12.84 -26.13
C ASP B 75 -2.92 -12.70 -26.11
N GLU B 76 -3.48 -12.36 -24.96
CA GLU B 76 -4.94 -12.23 -24.81
C GLU B 76 -5.52 -10.97 -25.50
N ILE B 77 -4.76 -9.89 -25.54
CA ILE B 77 -5.16 -8.67 -26.26
C ILE B 77 -5.26 -8.95 -27.78
N LYS B 78 -4.27 -9.66 -28.33
CA LYS B 78 -4.25 -10.07 -29.75
C LYS B 78 -5.43 -10.98 -30.13
N ARG B 79 -5.73 -11.95 -29.27
CA ARG B 79 -6.79 -12.94 -29.47
C ARG B 79 -8.21 -12.35 -29.33
N GLY B 80 -8.37 -11.32 -28.49
CA GLY B 80 -9.67 -10.68 -28.24
C GLY B 80 -10.68 -11.64 -27.64
N GLY B 81 -11.97 -11.25 -27.58
CA GLY B 81 -13.03 -12.10 -27.02
C GLY B 81 -12.91 -12.33 -25.51
N GLN B 82 -13.61 -13.34 -24.98
CA GLN B 82 -13.45 -13.77 -23.58
C GLN B 82 -12.07 -14.41 -23.44
N SER B 83 -11.33 -14.02 -22.39
CA SER B 83 -9.91 -14.37 -22.26
C SER B 83 -9.72 -15.59 -21.32
N TYR B 84 -10.04 -16.80 -21.82
CA TYR B 84 -9.98 -18.02 -21.02
C TYR B 84 -8.54 -18.46 -20.85
N THR B 85 -8.12 -18.59 -19.60
CA THR B 85 -6.73 -18.93 -19.25
C THR B 85 -6.23 -20.28 -19.86
N TYR B 86 -7.09 -21.31 -19.89
CA TYR B 86 -6.76 -22.60 -20.55
C TYR B 86 -6.25 -22.41 -22.00
N ASP B 87 -6.97 -21.61 -22.78
CA ASP B 87 -6.57 -21.31 -24.16
C ASP B 87 -5.23 -20.60 -24.21
N THR B 88 -5.10 -19.59 -23.36
CA THR B 88 -3.84 -18.88 -23.26
C THR B 88 -2.67 -19.83 -22.96
N ILE B 89 -2.81 -20.63 -21.91
CA ILE B 89 -1.70 -21.48 -21.45
C ILE B 89 -1.33 -22.60 -22.46
N LYS B 90 -2.33 -23.25 -23.06
CA LYS B 90 -2.11 -24.26 -24.13
C LYS B 90 -1.24 -23.72 -25.28
N ALA B 91 -1.54 -22.51 -25.77
CA ALA B 91 -0.74 -21.84 -26.79
C ALA B 91 0.66 -21.38 -26.34
N PHE B 92 0.75 -20.84 -25.13
CA PHE B 92 1.98 -20.28 -24.58
C PHE B 92 3.01 -21.40 -24.36
N LYS B 93 2.52 -22.53 -23.87
CA LYS B 93 3.35 -23.65 -23.48
C LYS B 93 3.96 -24.37 -24.69
N GLU B 94 3.25 -24.41 -25.82
CA GLU B 94 3.82 -24.98 -27.05
C GLU B 94 4.87 -24.07 -27.72
N GLN B 95 5.09 -22.88 -27.14
CA GLN B 95 6.16 -21.95 -27.54
C GLN B 95 7.28 -21.83 -26.47
N HIS B 96 7.12 -22.56 -25.37
CA HIS B 96 8.01 -22.49 -24.21
C HIS B 96 8.04 -23.84 -23.49
N LYS B 97 8.31 -24.93 -24.21
CA LYS B 97 8.44 -26.25 -23.56
C LYS B 97 9.82 -26.29 -22.85
N ASP B 98 10.01 -27.25 -21.94
CA ASP B 98 11.22 -27.28 -21.06
C ASP B 98 11.20 -26.20 -19.94
N SER B 99 10.04 -25.57 -19.75
CA SER B 99 9.85 -24.57 -18.70
C SER B 99 8.68 -24.91 -17.79
N GLU B 100 8.88 -24.66 -16.50
CA GLU B 100 7.84 -24.80 -15.51
C GLU B 100 6.99 -23.49 -15.43
N LEU B 101 5.68 -23.61 -15.51
CA LEU B 101 4.76 -22.44 -15.54
C LEU B 101 4.00 -22.28 -14.22
N TYR B 102 3.98 -21.04 -13.69
CA TYR B 102 3.34 -20.70 -12.40
C TYR B 102 2.31 -19.60 -12.68
N PHE B 103 1.07 -19.75 -12.20
CA PHE B 103 0.01 -18.70 -12.49
C PHE B 103 -0.41 -18.08 -11.15
N VAL B 104 -0.19 -16.76 -10.97
CA VAL B 104 -0.58 -16.03 -9.74
C VAL B 104 -2.07 -15.57 -9.75
N ILE B 105 -2.78 -15.92 -8.67
CA ILE B 105 -4.14 -15.46 -8.42
C ILE B 105 -4.28 -15.07 -6.94
N GLY B 106 -5.27 -14.25 -6.60
CA GLY B 106 -5.56 -13.94 -5.21
C GLY B 106 -6.73 -14.78 -4.73
N THR B 107 -7.05 -14.66 -3.44
CA THR B 107 -8.08 -15.43 -2.72
C THR B 107 -9.44 -15.46 -3.42
N ASP B 108 -9.93 -14.31 -3.87
CA ASP B 108 -11.22 -14.28 -4.56
C ASP B 108 -11.31 -15.23 -5.78
N GLN B 109 -10.20 -15.41 -6.53
CA GLN B 109 -10.21 -16.30 -7.73
C GLN B 109 -10.02 -17.76 -7.30
N TYR B 110 -9.13 -17.99 -6.36
CA TYR B 110 -8.97 -19.27 -5.70
C TYR B 110 -10.30 -19.89 -5.21
N ASN B 111 -11.11 -19.07 -4.52
CA ASN B 111 -12.41 -19.53 -4.03
C ASN B 111 -13.47 -19.91 -5.09
N GLN B 112 -13.29 -19.50 -6.35
CA GLN B 112 -14.21 -19.85 -7.43
C GLN B 112 -13.50 -20.58 -8.61
N LEU B 113 -12.39 -21.27 -8.35
CA LEU B 113 -11.59 -21.94 -9.41
C LEU B 113 -12.38 -23.05 -10.12
N GLU B 114 -13.35 -23.67 -9.43
CA GLU B 114 -14.33 -24.61 -10.04
C GLU B 114 -15.19 -23.98 -11.15
N LYS B 115 -15.26 -22.65 -11.20
CA LYS B 115 -16.01 -21.98 -12.24
C LYS B 115 -15.15 -21.62 -13.44
N TRP B 116 -13.86 -21.91 -13.38
CA TRP B 116 -12.95 -21.59 -14.51
C TRP B 116 -13.10 -22.65 -15.60
N TYR B 117 -12.90 -22.21 -16.85
CA TYR B 117 -13.06 -23.05 -18.05
C TYR B 117 -11.93 -24.10 -18.10
N GLN B 118 -12.34 -25.36 -18.27
CA GLN B 118 -11.42 -26.51 -18.38
C GLN B 118 -10.43 -26.58 -17.21
N ILE B 119 -10.92 -26.32 -16.00
CA ILE B 119 -10.08 -26.25 -14.81
C ILE B 119 -9.27 -27.56 -14.54
N GLU B 120 -9.87 -28.72 -14.77
CA GLU B 120 -9.16 -30.01 -14.52
C GLU B 120 -7.91 -30.14 -15.36
N TYR B 121 -7.99 -29.72 -16.62
CA TYR B 121 -6.83 -29.70 -17.53
C TYR B 121 -5.86 -28.57 -17.21
N LEU B 122 -6.36 -27.40 -16.83
CA LEU B 122 -5.46 -26.30 -16.49
C LEU B 122 -4.61 -26.64 -15.28
N LYS B 123 -5.16 -27.29 -14.25
CA LYS B 123 -4.35 -27.67 -13.07
C LYS B 123 -3.16 -28.64 -13.35
N GLU B 124 -3.15 -29.26 -14.52
CA GLU B 124 -2.05 -30.13 -14.98
C GLU B 124 -0.99 -29.35 -15.68
N MET B 125 -1.35 -28.18 -16.22
CA MET B 125 -0.43 -27.40 -17.04
C MET B 125 0.34 -26.32 -16.25
N VAL B 126 -0.25 -25.80 -15.17
CA VAL B 126 0.41 -24.75 -14.37
C VAL B 126 0.42 -25.13 -12.89
N THR B 127 1.36 -24.53 -12.14
CA THR B 127 1.26 -24.52 -10.69
C THR B 127 0.62 -23.18 -10.27
N PHE B 128 -0.56 -23.24 -9.65
CA PHE B 128 -1.23 -22.05 -9.12
C PHE B 128 -0.48 -21.56 -7.90
N VAL B 129 -0.23 -20.25 -7.89
CA VAL B 129 0.44 -19.55 -6.79
C VAL B 129 -0.63 -18.57 -6.23
N VAL B 130 -1.04 -18.78 -4.96
CA VAL B 130 -2.18 -18.04 -4.37
C VAL B 130 -1.70 -17.05 -3.31
N VAL B 131 -2.09 -15.77 -3.48
CA VAL B 131 -1.79 -14.74 -2.46
C VAL B 131 -3.08 -14.39 -1.68
N ASN B 132 -2.95 -14.07 -0.40
CA ASN B 132 -4.08 -13.66 0.45
C ASN B 132 -4.74 -12.34 0.04
N ARG B 133 -6.06 -12.35 -0.07
CA ARG B 133 -6.80 -11.13 -0.34
C ARG B 133 -8.00 -11.09 0.61
N ASP B 134 -8.12 -9.99 1.35
CA ASP B 134 -9.23 -9.76 2.31
C ASP B 134 -9.09 -10.66 3.52
N LYS B 135 -7.86 -11.07 3.78
CA LYS B 135 -7.53 -11.86 4.95
C LYS B 135 -6.04 -11.87 5.05
N ASN B 136 -5.55 -12.39 6.18
CA ASN B 136 -4.19 -12.21 6.56
C ASN B 136 -3.35 -13.43 6.19
N SER B 137 -4.02 -14.51 5.80
CA SER B 137 -3.37 -15.79 5.61
C SER B 137 -4.13 -16.63 4.57
N GLN B 138 -3.45 -17.38 3.71
CA GLN B 138 -4.14 -18.27 2.77
C GLN B 138 -3.65 -19.73 2.86
N ASN B 139 -4.55 -20.66 3.16
CA ASN B 139 -4.26 -22.09 3.05
C ASN B 139 -4.59 -22.63 1.64
N VAL B 140 -3.67 -23.42 1.09
CA VAL B 140 -3.89 -24.14 -0.16
C VAL B 140 -3.54 -25.62 -0.02
N GLU B 141 -3.99 -26.42 -0.98
CA GLU B 141 -3.63 -27.83 -1.04
C GLU B 141 -2.18 -27.99 -1.51
N ASN B 142 -1.55 -29.13 -1.19
CA ASN B 142 -0.10 -29.30 -1.39
C ASN B 142 0.45 -29.20 -2.83
N ALA B 143 -0.42 -29.36 -3.84
CA ALA B 143 -0.02 -29.21 -5.27
C ALA B 143 0.14 -27.73 -5.71
N MET B 144 -0.37 -26.80 -4.89
CA MET B 144 -0.32 -25.36 -5.18
C MET B 144 0.68 -24.68 -4.22
N ILE B 145 1.00 -23.41 -4.47
CA ILE B 145 1.91 -22.64 -3.60
C ILE B 145 1.16 -21.46 -2.96
N ALA B 146 1.18 -21.33 -1.63
CA ALA B 146 0.69 -20.10 -0.97
C ALA B 146 1.84 -19.12 -0.68
N ILE B 147 1.70 -17.87 -1.14
CA ILE B 147 2.63 -16.78 -0.78
C ILE B 147 1.86 -15.76 0.11
N GLN B 148 2.34 -15.59 1.34
CA GLN B 148 1.72 -14.69 2.32
C GLN B 148 2.22 -13.28 2.00
N ILE B 149 1.32 -12.32 1.81
CA ILE B 149 1.71 -10.93 1.55
C ILE B 149 1.12 -10.04 2.64
N PRO B 150 1.68 -8.84 2.87
CA PRO B 150 1.01 -7.86 3.76
C PRO B 150 -0.37 -7.53 3.17
N ARG B 151 -1.41 -7.65 3.96
CA ARG B 151 -2.78 -7.47 3.46
C ARG B 151 -3.05 -6.00 3.09
N VAL B 152 -3.46 -5.78 1.83
CA VAL B 152 -3.67 -4.41 1.35
C VAL B 152 -5.00 -4.36 0.61
N ASP B 153 -6.01 -3.73 1.20
CA ASP B 153 -7.36 -3.75 0.64
C ASP B 153 -7.57 -2.62 -0.37
N ILE B 154 -6.81 -2.59 -1.46
CA ILE B 154 -7.04 -1.65 -2.59
C ILE B 154 -7.61 -2.52 -3.76
N SER B 155 -8.70 -2.03 -4.40
CA SER B 155 -9.21 -2.68 -5.62
C SER B 155 -9.23 -1.67 -6.79
N SER B 156 -9.30 -2.17 -8.02
CA SER B 156 -9.52 -1.30 -9.20
C SER B 156 -10.89 -0.57 -9.14
N THR B 157 -11.93 -1.25 -8.66
CA THR B 157 -13.26 -0.61 -8.45
C THR B 157 -13.18 0.65 -7.56
N MET B 158 -12.43 0.54 -6.46
CA MET B 158 -12.17 1.66 -5.53
C MET B 158 -11.59 2.86 -6.27
N ILE B 159 -10.61 2.60 -7.12
CA ILE B 159 -9.91 3.63 -7.88
C ILE B 159 -10.89 4.34 -8.85
N ARG B 160 -11.62 3.54 -9.63
CA ARG B 160 -12.61 4.09 -10.56
C ARG B 160 -13.70 4.91 -9.83
N GLN B 161 -14.18 4.42 -8.69
CA GLN B 161 -15.21 5.08 -7.92
C GLN B 161 -14.71 6.44 -7.34
N ARG B 162 -13.51 6.44 -6.76
CA ARG B 162 -12.89 7.68 -6.29
C ARG B 162 -12.76 8.72 -7.40
N VAL B 163 -12.21 8.32 -8.54
CA VAL B 163 -12.00 9.26 -9.65
C VAL B 163 -13.32 9.91 -10.11
N SER B 164 -14.36 9.10 -10.25
CA SER B 164 -15.65 9.57 -10.74
C SER B 164 -16.29 10.63 -9.81
N GLU B 165 -16.11 10.44 -8.50
CA GLU B 165 -16.62 11.38 -7.51
C GLU B 165 -15.68 12.56 -7.18
N GLY B 166 -14.56 12.69 -7.92
CA GLY B 166 -13.51 13.70 -7.66
C GLY B 166 -12.63 13.50 -6.42
N LYS B 167 -12.62 12.29 -5.88
CA LYS B 167 -11.79 11.95 -4.71
C LYS B 167 -10.34 11.62 -5.16
N SER B 168 -9.35 12.04 -4.37
CA SER B 168 -7.93 11.72 -4.62
C SER B 168 -7.65 10.19 -4.65
N ILE B 169 -6.75 9.75 -5.52
CA ILE B 169 -6.19 8.37 -5.52
C ILE B 169 -4.69 8.37 -5.27
N GLN B 170 -4.18 9.46 -4.68
CA GLN B 170 -2.76 9.56 -4.34
C GLN B 170 -2.34 8.36 -3.49
N VAL B 171 -1.14 7.82 -3.75
CA VAL B 171 -0.54 6.64 -3.09
C VAL B 171 -1.19 5.29 -3.50
N LEU B 172 -2.52 5.22 -3.58
CA LEU B 172 -3.25 4.00 -4.02
C LEU B 172 -2.84 3.47 -5.40
N VAL B 173 -2.42 4.39 -6.29
CA VAL B 173 -1.64 4.10 -7.49
C VAL B 173 -0.32 4.92 -7.42
N PRO B 174 0.76 4.50 -8.18
CA PRO B 174 1.96 5.33 -8.26
C PRO B 174 1.72 6.69 -8.91
N LYS B 175 2.60 7.63 -8.64
CA LYS B 175 2.43 9.02 -9.15
C LYS B 175 2.30 9.04 -10.67
N SER B 176 3.04 8.18 -11.37
CA SER B 176 2.96 8.18 -12.86
C SER B 176 1.58 7.76 -13.34
N VAL B 177 1.03 6.70 -12.75
CA VAL B 177 -0.32 6.26 -13.10
C VAL B 177 -1.35 7.33 -12.72
N GLU B 178 -1.22 7.95 -11.53
CA GLU B 178 -2.16 9.02 -11.07
C GLU B 178 -2.25 10.21 -12.09
N ASN B 179 -1.09 10.77 -12.45
CA ASN B 179 -0.99 11.80 -13.51
C ASN B 179 -1.47 11.32 -14.88
N TYR B 180 -1.32 10.02 -15.17
CA TYR B 180 -1.82 9.49 -16.48
C TYR B 180 -3.35 9.46 -16.54
N ILE B 181 -3.95 8.93 -15.47
CA ILE B 181 -5.41 8.90 -15.32
C ILE B 181 -6.00 10.35 -15.44
N LYS B 182 -5.42 11.28 -14.67
CA LYS B 182 -5.88 12.65 -14.68
C LYS B 182 -5.76 13.29 -16.10
N GLY B 183 -4.60 13.20 -16.72
CA GLY B 183 -4.37 13.77 -18.06
C GLY B 183 -5.14 13.19 -19.23
N GLU B 184 -5.54 11.92 -19.11
CA GLU B 184 -6.28 11.27 -20.18
C GLU B 184 -7.75 11.30 -19.86
N GLY B 185 -8.10 11.81 -18.67
CA GLY B 185 -9.49 11.96 -18.29
C GLY B 185 -10.18 10.65 -18.04
N LEU B 186 -9.41 9.62 -17.65
CA LEU B 186 -9.97 8.26 -17.47
C LEU B 186 -10.91 8.20 -16.27
N TYR B 187 -11.99 7.43 -16.41
CA TYR B 187 -12.96 7.12 -15.34
C TYR B 187 -13.83 8.33 -14.88
N GLU B 188 -13.69 9.46 -15.57
CA GLU B 188 -14.53 10.65 -15.33
C GLU B 188 -15.90 10.52 -16.01
N HIS B 189 -16.92 11.12 -15.40
CA HIS B 189 -18.28 10.86 -15.90
C HIS B 189 -18.92 12.01 -16.64
#